data_6GKU
#
_entry.id   6GKU
#
_cell.length_a   59.014
_cell.length_b   146.186
_cell.length_c   185.697
_cell.angle_alpha   90.00
_cell.angle_beta   90.00
_cell.angle_gamma   90.00
#
_symmetry.space_group_name_H-M   'C 2 2 21'
#
loop_
_entity.id
_entity.type
_entity.pdbx_description
1 polymer Galectin-10
2 polymer 'Fab 6F5 - Heavy Chain'
3 polymer 'Fab 6F5 - Light chain'
4 non-polymer 'CALCIUM ION'
5 non-polymer 'TRIETHYLENE GLYCOL'
6 water water
#
loop_
_entity_poly.entity_id
_entity_poly.type
_entity_poly.pdbx_seq_one_letter_code
_entity_poly.pdbx_strand_id
1 'polypeptide(L)'
;MASTTHHHHHHDTDIPTTGGGSRPDDDDKENLYFQGGHMSLLPVPYTEAASLSTGSTVTIKGRPLACFLNEPYLQVDFHT
EMKEESDIVFHFQVCFGRRVVMNSREYGAWKQQVESKNMPFQDGQEFELSISVLPDKYQVMVNGQSSYTFDHRIKPEAVK
MVQVWRDISLTKFNVSYLKR
;
A
2 'polypeptide(L)'
;QLQLVESGGGLVQPGGSLRLSCAASGFTFSSYAMSWVRQAPGKGLEWVSAINSGGGSTSYADSVKGRFTISRDNAKNTLY
LQMNSLKPEDTAVYYCATPGDRLWYYRYDYWGQGTQVTVSSASTKGPSVFPLAPSSKSTSGGTAALGCLVKDYFPEPVTV
SWNSGALTSGVHTFPAVLQSSGLYSLSSVVTVPSSSLGTQTYICNVNHKPSNTKVDKKVEPKSCDKTH
;
H
3 'polypeptide(L)'
;QAGLTQPPSVSGTLGKAVTISCAGTSSDIGYGNYVSWYQQLPGTAPKLLIYKVSRRASGVPDRFSGSKSGNTASLSISGL
QSEDEADYYCASYRYRNNVVFGGGTHLTVLGQPKAAPSVTLFPPSSEELQANKATLVCLISDFYPGAVTVAWKADSSPVK
AGVETTTPSKQSNNKYAASSYLSLTPEQWKSHRSYSCQVTHEGSTVEKTVAPTECS
;
L
#
# COMPACT_ATOMS: atom_id res chain seq x y z
N SER A 40 50.92 -16.25 -0.76
CA SER A 40 50.64 -14.82 -0.94
C SER A 40 49.21 -14.52 -1.44
N LEU A 41 48.57 -15.47 -2.15
CA LEU A 41 47.19 -15.30 -2.65
C LEU A 41 46.12 -15.75 -1.66
N LEU A 42 45.03 -14.99 -1.60
CA LEU A 42 43.89 -15.29 -0.75
C LEU A 42 42.86 -16.11 -1.54
N PRO A 43 42.01 -16.94 -0.88
CA PRO A 43 40.98 -17.69 -1.65
C PRO A 43 39.97 -16.76 -2.33
N VAL A 44 39.53 -17.12 -3.54
CA VAL A 44 38.51 -16.38 -4.29
C VAL A 44 37.41 -17.42 -4.70
N PRO A 45 36.09 -17.26 -4.36
CA PRO A 45 35.47 -16.16 -3.60
C PRO A 45 36.06 -16.00 -2.21
N TYR A 46 36.25 -14.74 -1.79
CA TYR A 46 36.79 -14.41 -0.47
C TYR A 46 35.60 -13.92 0.36
N THR A 47 35.34 -14.58 1.48
CA THR A 47 34.21 -14.23 2.31
C THR A 47 34.73 -13.98 3.71
N GLU A 48 34.37 -12.83 4.30
CA GLU A 48 34.83 -12.51 5.65
C GLU A 48 33.75 -11.76 6.41
N ALA A 49 33.58 -12.07 7.69
CA ALA A 49 32.66 -11.34 8.57
C ALA A 49 33.20 -9.90 8.70
N ALA A 50 32.29 -8.92 8.85
CA ALA A 50 32.70 -7.52 8.96
C ALA A 50 31.70 -6.72 9.78
N SER A 51 32.18 -5.60 10.35
CA SER A 51 31.42 -4.63 11.13
C SER A 51 31.86 -3.27 10.60
N LEU A 52 30.96 -2.60 9.88
CA LEU A 52 31.23 -1.31 9.22
C LEU A 52 30.39 -0.18 9.80
N SER A 53 30.97 1.02 9.80
CA SER A 53 30.32 2.27 10.22
C SER A 53 31.08 3.41 9.57
N THR A 54 30.61 4.67 9.74
CA THR A 54 31.28 5.86 9.21
C THR A 54 32.74 5.84 9.72
N GLY A 55 33.69 5.96 8.81
CA GLY A 55 35.11 5.91 9.14
C GLY A 55 35.78 4.60 8.77
N SER A 56 34.99 3.55 8.50
CA SER A 56 35.54 2.25 8.10
C SER A 56 35.97 2.30 6.64
N THR A 57 37.04 1.57 6.31
CA THR A 57 37.54 1.45 4.94
C THR A 57 37.86 0.00 4.64
N VAL A 58 37.36 -0.51 3.51
CA VAL A 58 37.63 -1.87 3.05
C VAL A 58 38.62 -1.72 1.89
N THR A 59 39.86 -2.21 2.06
CA THR A 59 40.93 -2.13 1.06
C THR A 59 41.18 -3.51 0.48
N ILE A 60 41.17 -3.59 -0.84
CA ILE A 60 41.33 -4.80 -1.61
C ILE A 60 42.47 -4.57 -2.62
N LYS A 61 43.42 -5.49 -2.67
CA LYS A 61 44.51 -5.44 -3.65
C LYS A 61 44.42 -6.72 -4.45
N GLY A 62 44.30 -6.57 -5.76
CA GLY A 62 44.15 -7.72 -6.64
C GLY A 62 44.53 -7.46 -8.09
N ARG A 63 44.32 -8.46 -8.95
CA ARG A 63 44.65 -8.33 -10.37
C ARG A 63 43.61 -9.08 -11.21
N PRO A 64 43.14 -8.55 -12.37
CA PRO A 64 42.19 -9.34 -13.19
C PRO A 64 42.87 -10.61 -13.75
N LEU A 65 42.12 -11.68 -13.97
CA LEU A 65 42.68 -12.95 -14.43
C LEU A 65 42.68 -13.09 -15.96
N ALA A 66 42.21 -12.07 -16.67
CA ALA A 66 42.12 -12.08 -18.13
C ALA A 66 42.34 -10.68 -18.65
N CYS A 67 42.71 -10.59 -19.93
CA CYS A 67 42.88 -9.33 -20.63
C CYS A 67 41.49 -8.64 -20.75
N PHE A 68 41.46 -7.30 -20.72
CA PHE A 68 40.22 -6.50 -20.77
C PHE A 68 39.32 -6.82 -21.97
N LEU A 69 39.90 -7.23 -23.13
CA LEU A 69 39.13 -7.63 -24.33
C LEU A 69 38.16 -8.77 -24.01
N ASN A 70 38.54 -9.68 -23.07
CA ASN A 70 37.73 -10.84 -22.66
C ASN A 70 36.71 -10.52 -21.57
N GLU A 71 36.64 -9.25 -21.16
CA GLU A 71 35.66 -8.76 -20.18
C GLU A 71 35.65 -9.57 -18.87
N PRO A 72 36.78 -9.65 -18.13
CA PRO A 72 36.72 -10.29 -16.82
C PRO A 72 35.86 -9.40 -15.91
N TYR A 73 35.30 -10.00 -14.86
CA TYR A 73 34.51 -9.25 -13.90
C TYR A 73 35.20 -9.19 -12.56
N LEU A 74 34.79 -8.24 -11.73
CA LEU A 74 35.15 -8.13 -10.31
C LEU A 74 33.84 -7.80 -9.59
N GLN A 75 33.53 -8.55 -8.52
CA GLN A 75 32.32 -8.28 -7.77
C GLN A 75 32.63 -8.20 -6.29
N VAL A 76 32.16 -7.12 -5.65
CA VAL A 76 32.28 -6.88 -4.21
C VAL A 76 30.88 -6.67 -3.67
N ASP A 77 30.46 -7.53 -2.73
CA ASP A 77 29.11 -7.46 -2.12
C ASP A 77 29.17 -7.36 -0.62
N PHE A 78 28.51 -6.32 -0.07
CA PHE A 78 28.37 -6.08 1.37
C PHE A 78 27.04 -6.67 1.77
N HIS A 79 27.07 -7.86 2.43
CA HIS A 79 25.89 -8.62 2.81
C HIS A 79 25.36 -8.32 4.20
N THR A 80 24.03 -8.54 4.40
CA THR A 80 23.38 -8.37 5.68
C THR A 80 23.65 -9.56 6.60
N GLU A 81 23.91 -10.76 6.03
CA GLU A 81 24.18 -11.96 6.82
C GLU A 81 25.39 -12.69 6.27
N MET A 82 25.89 -13.71 7.03
CA MET A 82 27.01 -14.56 6.60
C MET A 82 26.62 -15.42 5.38
N LYS A 83 25.33 -15.71 5.17
CA LYS A 83 24.86 -16.50 4.02
C LYS A 83 25.00 -15.70 2.72
N GLU A 84 25.60 -16.30 1.69
CA GLU A 84 25.77 -15.56 0.43
C GLU A 84 24.44 -15.30 -0.32
N GLU A 85 23.34 -15.97 0.07
CA GLU A 85 22.05 -15.70 -0.56
C GLU A 85 21.35 -14.52 0.12
N SER A 86 21.96 -13.96 1.19
CA SER A 86 21.37 -12.83 1.93
C SER A 86 21.38 -11.55 1.13
N ASP A 87 20.56 -10.57 1.58
CA ASP A 87 20.52 -9.25 1.01
C ASP A 87 21.89 -8.57 0.93
N ILE A 88 22.05 -7.75 -0.10
CA ILE A 88 23.27 -7.02 -0.40
C ILE A 88 22.97 -5.53 -0.29
N VAL A 89 23.56 -4.88 0.71
CA VAL A 89 23.46 -3.47 1.04
C VAL A 89 24.16 -2.63 -0.06
N PHE A 90 25.30 -3.13 -0.55
CA PHE A 90 26.13 -2.50 -1.59
C PHE A 90 26.83 -3.55 -2.44
N HIS A 91 26.46 -3.55 -3.73
CA HIS A 91 26.95 -4.45 -4.75
C HIS A 91 27.74 -3.55 -5.69
N PHE A 92 29.00 -3.90 -5.90
CA PHE A 92 29.93 -3.17 -6.75
C PHE A 92 30.45 -4.17 -7.77
N GLN A 93 30.08 -3.97 -9.04
CA GLN A 93 30.43 -4.92 -10.09
C GLN A 93 31.14 -4.27 -11.26
N VAL A 94 32.43 -4.57 -11.42
CA VAL A 94 33.26 -4.04 -12.49
C VAL A 94 33.23 -5.00 -13.68
N CYS A 95 32.94 -4.49 -14.88
CA CYS A 95 33.11 -5.27 -16.10
C CYS A 95 34.34 -4.58 -16.70
N PHE A 96 35.52 -5.10 -16.39
CA PHE A 96 36.82 -4.50 -16.77
C PHE A 96 36.88 -4.04 -18.22
N GLY A 97 37.20 -2.76 -18.41
CA GLY A 97 37.30 -2.15 -19.73
C GLY A 97 35.99 -1.67 -20.32
N ARG A 98 34.87 -1.93 -19.64
CA ARG A 98 33.54 -1.58 -20.14
C ARG A 98 32.79 -0.61 -19.24
N ARG A 99 32.42 -1.07 -18.02
CA ARG A 99 31.66 -0.24 -17.09
C ARG A 99 31.68 -0.79 -15.68
N VAL A 100 31.06 -0.04 -14.77
CA VAL A 100 30.84 -0.44 -13.40
C VAL A 100 29.34 -0.30 -13.12
N VAL A 101 28.77 -1.31 -12.49
CA VAL A 101 27.36 -1.28 -12.07
C VAL A 101 27.31 -1.37 -10.55
N MET A 102 26.43 -0.56 -9.95
CA MET A 102 26.23 -0.58 -8.49
C MET A 102 24.75 -0.74 -8.19
N ASN A 103 24.42 -1.50 -7.12
CA ASN A 103 23.03 -1.79 -6.79
C ASN A 103 22.94 -2.38 -5.37
N SER A 104 21.71 -2.73 -4.97
CA SER A 104 21.46 -3.39 -3.71
C SER A 104 20.45 -4.49 -4.02
N ARG A 105 20.46 -5.56 -3.21
CA ARG A 105 19.52 -6.66 -3.34
C ARG A 105 18.75 -6.66 -2.03
N GLU A 106 17.47 -6.32 -2.09
CA GLU A 106 16.67 -6.19 -0.86
C GLU A 106 15.46 -7.10 -0.97
N TYR A 107 15.18 -7.88 0.10
CA TYR A 107 14.09 -8.89 0.12
C TYR A 107 14.28 -9.88 -1.05
N GLY A 108 15.55 -10.20 -1.34
CA GLY A 108 15.96 -11.12 -2.40
C GLY A 108 15.80 -10.56 -3.80
N ALA A 109 15.42 -9.28 -3.95
CA ALA A 109 15.23 -8.67 -5.27
C ALA A 109 16.25 -7.57 -5.58
N TRP A 110 16.81 -7.58 -6.79
CA TRP A 110 17.74 -6.53 -7.25
C TRP A 110 16.96 -5.20 -7.41
N LYS A 111 17.52 -4.10 -6.91
CA LYS A 111 16.81 -2.80 -7.00
C LYS A 111 17.24 -1.99 -8.24
N GLN A 112 17.19 -0.65 -8.14
CA GLN A 112 17.57 0.28 -9.20
C GLN A 112 19.06 0.32 -9.42
N GLN A 113 19.50 -0.09 -10.58
CA GLN A 113 20.91 -0.10 -10.92
C GLN A 113 21.41 1.31 -11.18
N VAL A 114 22.67 1.56 -10.80
CA VAL A 114 23.42 2.77 -11.10
C VAL A 114 24.58 2.29 -12.00
N GLU A 115 24.84 3.01 -13.10
CA GLU A 115 25.92 2.66 -14.00
C GLU A 115 26.95 3.79 -14.08
N SER A 116 28.24 3.44 -14.15
CA SER A 116 29.34 4.37 -14.36
C SER A 116 30.24 3.87 -15.47
N LYS A 117 30.59 4.76 -16.40
CA LYS A 117 31.51 4.45 -17.51
C LYS A 117 32.96 4.75 -17.12
N ASN A 118 33.17 5.32 -15.91
CA ASN A 118 34.52 5.63 -15.42
C ASN A 118 35.29 4.32 -15.28
N MET A 119 36.47 4.24 -15.93
CA MET A 119 37.29 3.02 -15.95
C MET A 119 38.76 3.33 -15.58
N PRO A 120 39.07 3.62 -14.28
CA PRO A 120 40.47 3.91 -13.94
C PRO A 120 41.36 2.66 -13.95
N PHE A 121 40.76 1.45 -13.88
CA PHE A 121 41.47 0.17 -13.92
C PHE A 121 42.16 -0.02 -15.26
N GLN A 122 43.44 -0.39 -15.24
CA GLN A 122 44.30 -0.59 -16.40
C GLN A 122 44.49 -2.08 -16.73
N ASP A 123 44.39 -2.38 -18.03
CA ASP A 123 44.53 -3.70 -18.61
C ASP A 123 45.82 -4.42 -18.17
N GLY A 124 45.64 -5.61 -17.60
CA GLY A 124 46.72 -6.47 -17.14
C GLY A 124 47.51 -5.99 -15.94
N GLN A 125 47.00 -5.00 -15.21
CA GLN A 125 47.69 -4.42 -14.06
C GLN A 125 47.05 -4.78 -12.73
N GLU A 126 47.87 -4.78 -11.69
CA GLU A 126 47.41 -4.96 -10.32
C GLU A 126 46.68 -3.65 -9.94
N PHE A 127 45.59 -3.74 -9.16
CA PHE A 127 44.85 -2.55 -8.72
C PHE A 127 44.76 -2.54 -7.18
N GLU A 128 44.52 -1.35 -6.60
CA GLU A 128 44.18 -1.19 -5.18
C GLU A 128 42.82 -0.49 -5.13
N LEU A 129 41.84 -1.18 -4.60
CA LEU A 129 40.50 -0.68 -4.48
C LEU A 129 40.16 -0.43 -3.02
N SER A 130 39.72 0.76 -2.71
CA SER A 130 39.31 1.03 -1.37
C SER A 130 37.92 1.66 -1.30
N ILE A 131 37.10 1.12 -0.42
CA ILE A 131 35.72 1.51 -0.23
C ILE A 131 35.58 2.12 1.15
N SER A 132 35.36 3.42 1.21
CA SER A 132 35.22 4.13 2.46
C SER A 132 33.77 4.41 2.80
N VAL A 133 33.43 4.25 4.06
CA VAL A 133 32.07 4.46 4.56
C VAL A 133 31.97 5.90 5.08
N LEU A 134 31.23 6.75 4.35
CA LEU A 134 31.01 8.15 4.75
C LEU A 134 29.59 8.23 5.37
N PRO A 135 29.17 9.33 6.05
CA PRO A 135 27.84 9.33 6.67
C PRO A 135 26.66 8.98 5.75
N ASP A 136 26.67 9.48 4.49
CA ASP A 136 25.54 9.30 3.56
C ASP A 136 25.81 8.40 2.35
N LYS A 137 27.07 8.00 2.15
CA LYS A 137 27.45 7.20 0.99
C LYS A 137 28.76 6.44 1.18
N TYR A 138 29.06 5.54 0.24
CA TYR A 138 30.35 4.89 0.11
C TYR A 138 31.13 5.72 -0.91
N GLN A 139 32.42 5.95 -0.64
CA GLN A 139 33.31 6.62 -1.57
C GLN A 139 34.34 5.56 -2.01
N VAL A 140 34.37 5.28 -3.30
CA VAL A 140 35.25 4.27 -3.87
C VAL A 140 36.47 4.88 -4.56
N MET A 141 37.67 4.48 -4.11
N MET A 141 37.67 4.47 -4.11
CA MET A 141 38.94 4.91 -4.71
CA MET A 141 38.95 4.91 -4.66
C MET A 141 39.53 3.76 -5.49
C MET A 141 39.60 3.77 -5.43
N VAL A 142 40.16 4.08 -6.61
CA VAL A 142 40.87 3.10 -7.44
C VAL A 142 42.27 3.68 -7.63
N ASN A 143 43.29 2.99 -7.09
CA ASN A 143 44.70 3.39 -7.12
C ASN A 143 44.91 4.83 -6.60
N GLY A 144 44.22 5.14 -5.50
CA GLY A 144 44.29 6.44 -4.84
C GLY A 144 43.40 7.54 -5.39
N GLN A 145 42.66 7.28 -6.49
CA GLN A 145 41.80 8.31 -7.10
C GLN A 145 40.32 8.03 -6.86
N SER A 146 39.58 9.06 -6.38
CA SER A 146 38.14 8.99 -6.12
C SER A 146 37.48 8.64 -7.46
N SER A 147 36.77 7.49 -7.52
CA SER A 147 36.26 6.99 -8.81
C SER A 147 34.76 6.76 -8.89
N TYR A 148 34.12 6.32 -7.78
CA TYR A 148 32.68 6.04 -7.72
C TYR A 148 32.12 6.39 -6.34
N THR A 149 30.81 6.66 -6.28
CA THR A 149 30.07 6.90 -5.04
C THR A 149 28.76 6.14 -5.11
N PHE A 150 28.19 5.82 -3.94
CA PHE A 150 26.93 5.10 -3.83
C PHE A 150 26.27 5.52 -2.54
N ASP A 151 25.10 6.18 -2.63
CA ASP A 151 24.35 6.65 -1.46
C ASP A 151 23.82 5.46 -0.68
N HIS A 152 23.87 5.54 0.66
CA HIS A 152 23.35 4.45 1.51
C HIS A 152 21.86 4.23 1.31
N ARG A 153 21.48 2.99 0.97
CA ARG A 153 20.08 2.59 0.81
C ARG A 153 19.62 1.88 2.10
N ILE A 154 20.57 1.19 2.77
CA ILE A 154 20.42 0.51 4.06
C ILE A 154 21.64 0.95 4.86
N LYS A 155 21.51 1.22 6.17
CA LYS A 155 22.67 1.68 6.96
C LYS A 155 23.86 0.72 6.84
N PRO A 156 25.10 1.24 6.79
CA PRO A 156 26.27 0.34 6.70
C PRO A 156 26.40 -0.57 7.94
N GLU A 157 25.77 -0.19 9.08
CA GLU A 157 25.73 -1.02 10.30
C GLU A 157 24.93 -2.33 10.09
N ALA A 158 24.16 -2.47 8.99
CA ALA A 158 23.43 -3.71 8.70
C ALA A 158 24.38 -4.78 8.10
N VAL A 159 25.58 -4.36 7.64
CA VAL A 159 26.54 -5.28 7.01
C VAL A 159 27.13 -6.24 8.03
N LYS A 160 27.10 -7.55 7.70
CA LYS A 160 27.71 -8.55 8.56
C LYS A 160 28.82 -9.29 7.84
N MET A 161 28.82 -9.24 6.50
CA MET A 161 29.79 -10.02 5.72
C MET A 161 30.13 -9.29 4.44
N VAL A 162 31.37 -9.48 3.97
CA VAL A 162 31.84 -8.91 2.69
C VAL A 162 32.32 -10.11 1.84
N GLN A 163 31.87 -10.17 0.58
CA GLN A 163 32.33 -11.18 -0.36
C GLN A 163 32.98 -10.52 -1.58
N VAL A 164 34.22 -10.96 -1.90
CA VAL A 164 34.97 -10.47 -3.06
C VAL A 164 35.11 -11.67 -3.99
N TRP A 165 34.64 -11.53 -5.23
CA TRP A 165 34.71 -12.67 -6.15
C TRP A 165 34.73 -12.24 -7.61
N ARG A 166 34.64 -13.24 -8.50
CA ARG A 166 34.70 -13.18 -9.97
C ARG A 166 36.17 -13.32 -10.45
N ASP A 167 36.51 -12.79 -11.62
CA ASP A 167 37.76 -13.02 -12.35
C ASP A 167 38.97 -12.20 -11.91
N ILE A 168 39.32 -12.32 -10.63
N ILE A 168 39.31 -12.31 -10.62
CA ILE A 168 40.47 -11.64 -10.04
CA ILE A 168 40.47 -11.64 -10.04
C ILE A 168 41.24 -12.59 -9.13
C ILE A 168 41.25 -12.60 -9.14
N SER A 169 42.55 -12.31 -8.93
CA SER A 169 43.41 -12.99 -7.97
C SER A 169 43.48 -11.91 -6.86
N LEU A 170 43.55 -12.32 -5.60
CA LEU A 170 43.56 -11.40 -4.47
C LEU A 170 44.81 -11.60 -3.59
N THR A 171 45.52 -10.50 -3.24
CA THR A 171 46.67 -10.58 -2.34
C THR A 171 46.38 -9.87 -1.02
N LYS A 172 45.41 -8.94 -0.98
CA LYS A 172 45.12 -8.18 0.23
C LYS A 172 43.65 -7.84 0.43
N PHE A 173 43.16 -8.03 1.68
CA PHE A 173 41.83 -7.66 2.14
C PHE A 173 42.00 -7.13 3.55
N ASN A 174 41.85 -5.80 3.72
N ASN A 174 41.87 -5.81 3.73
CA ASN A 174 42.01 -5.14 5.01
CA ASN A 174 42.03 -5.19 5.05
C ASN A 174 40.83 -4.23 5.37
C ASN A 174 40.91 -4.20 5.39
N VAL A 175 40.36 -4.32 6.62
CA VAL A 175 39.33 -3.41 7.13
C VAL A 175 40.05 -2.49 8.13
N SER A 176 40.04 -1.19 7.83
CA SER A 176 40.66 -0.16 8.65
C SER A 176 39.60 0.82 9.13
N TYR A 177 39.91 1.56 10.19
CA TYR A 177 38.98 2.50 10.78
C TYR A 177 39.66 3.76 11.26
N LEU A 178 39.06 4.91 10.96
CA LEU A 178 39.50 6.24 11.39
C LEU A 178 38.28 6.98 11.94
N LYS A 179 38.24 7.25 13.25
CA LYS A 179 37.13 7.99 13.89
C LYS A 179 37.07 9.46 13.44
N GLN B 1 7.24 -14.45 -5.52
CA GLN B 1 6.54 -13.20 -5.26
C GLN B 1 6.27 -12.95 -3.75
N LEU B 2 6.81 -11.85 -3.22
CA LEU B 2 6.65 -11.49 -1.81
C LEU B 2 5.18 -11.24 -1.48
N GLN B 3 4.68 -11.85 -0.41
CA GLN B 3 3.29 -11.66 0.00
C GLN B 3 3.15 -11.64 1.52
N LEU B 4 2.27 -10.75 2.02
CA LEU B 4 1.87 -10.58 3.43
C LEU B 4 0.35 -10.64 3.47
N VAL B 5 -0.20 -11.59 4.24
CA VAL B 5 -1.66 -11.78 4.31
C VAL B 5 -2.15 -11.73 5.76
N GLU B 6 -2.86 -10.64 6.14
CA GLU B 6 -3.42 -10.53 7.48
C GLU B 6 -4.73 -11.27 7.53
N SER B 7 -5.06 -11.78 8.73
CA SER B 7 -6.34 -12.45 9.01
C SER B 7 -6.62 -12.31 10.51
N GLY B 8 -7.82 -12.70 10.93
CA GLY B 8 -8.18 -12.65 12.35
C GLY B 8 -9.06 -11.49 12.74
N GLY B 9 -9.28 -10.56 11.81
CA GLY B 9 -10.15 -9.42 12.03
C GLY B 9 -11.60 -9.83 12.14
N GLY B 10 -12.40 -8.95 12.72
CA GLY B 10 -13.82 -9.16 12.91
C GLY B 10 -14.39 -8.21 13.94
N LEU B 11 -15.62 -8.51 14.38
CA LEU B 11 -16.35 -7.73 15.36
C LEU B 11 -16.04 -8.25 16.75
N VAL B 12 -15.72 -7.35 17.66
N VAL B 12 -15.68 -7.34 17.66
CA VAL B 12 -15.41 -7.70 19.05
CA VAL B 12 -15.34 -7.64 19.07
C VAL B 12 -16.13 -6.73 19.99
C VAL B 12 -16.17 -6.72 19.97
N GLN B 13 -16.62 -7.22 21.12
CA GLN B 13 -17.33 -6.39 22.11
C GLN B 13 -16.28 -5.52 22.84
N PRO B 14 -16.63 -4.30 23.34
CA PRO B 14 -15.64 -3.53 24.13
C PRO B 14 -15.13 -4.35 25.33
N GLY B 15 -13.84 -4.27 25.61
CA GLY B 15 -13.19 -5.02 26.67
C GLY B 15 -12.76 -6.41 26.22
N GLY B 16 -13.20 -6.83 25.03
CA GLY B 16 -12.87 -8.14 24.47
C GLY B 16 -11.48 -8.24 23.88
N SER B 17 -11.15 -9.44 23.41
CA SER B 17 -9.84 -9.76 22.85
C SER B 17 -9.92 -10.24 21.42
N LEU B 18 -8.84 -10.10 20.69
CA LEU B 18 -8.74 -10.58 19.32
C LEU B 18 -7.27 -10.82 18.98
N ARG B 19 -6.98 -11.89 18.23
N ARG B 19 -6.97 -11.90 18.25
CA ARG B 19 -5.63 -12.20 17.79
CA ARG B 19 -5.61 -12.18 17.81
C ARG B 19 -5.54 -12.12 16.28
C ARG B 19 -5.53 -12.12 16.28
N LEU B 20 -4.71 -11.20 15.77
CA LEU B 20 -4.49 -11.03 14.34
C LEU B 20 -3.27 -11.83 13.95
N SER B 21 -3.28 -12.37 12.72
CA SER B 21 -2.15 -13.10 12.16
C SER B 21 -1.76 -12.49 10.84
N CYS B 22 -0.47 -12.55 10.52
N CYS B 22 -0.46 -12.54 10.52
CA CYS B 22 0.03 -12.13 9.24
CA CYS B 22 0.15 -12.04 9.28
C CYS B 22 0.95 -13.22 8.72
C CYS B 22 1.02 -13.18 8.70
N ALA B 23 0.52 -13.87 7.66
CA ALA B 23 1.24 -14.98 6.99
C ALA B 23 2.17 -14.42 5.94
N ALA B 24 3.48 -14.64 6.14
CA ALA B 24 4.48 -14.18 5.18
C ALA B 24 4.91 -15.28 4.22
N SER B 25 5.12 -14.90 2.94
CA SER B 25 5.63 -15.81 1.91
C SER B 25 6.45 -15.08 0.84
N GLY B 26 7.33 -15.81 0.16
CA GLY B 26 8.14 -15.26 -0.93
C GLY B 26 9.37 -14.49 -0.52
N PHE B 27 9.75 -14.59 0.77
CA PHE B 27 10.95 -13.95 1.34
C PHE B 27 11.36 -14.63 2.64
N THR B 28 12.61 -14.41 3.08
CA THR B 28 13.13 -15.02 4.31
C THR B 28 12.67 -14.19 5.47
N PHE B 29 11.43 -14.44 5.92
CA PHE B 29 10.74 -13.75 7.00
C PHE B 29 11.60 -13.51 8.24
N SER B 30 12.34 -14.55 8.70
CA SER B 30 13.17 -14.51 9.91
C SER B 30 14.31 -13.47 9.89
N SER B 31 14.64 -12.93 8.70
CA SER B 31 15.69 -11.92 8.50
C SER B 31 15.26 -10.48 8.74
N TYR B 32 13.93 -10.21 8.82
CA TYR B 32 13.42 -8.84 8.88
C TYR B 32 12.60 -8.50 10.10
N ALA B 33 12.70 -7.23 10.48
CA ALA B 33 11.84 -6.63 11.50
C ALA B 33 10.44 -6.53 10.86
N MET B 34 9.41 -6.48 11.71
CA MET B 34 8.03 -6.35 11.23
C MET B 34 7.33 -5.31 12.10
N SER B 35 6.27 -4.70 11.56
CA SER B 35 5.42 -3.77 12.33
C SER B 35 3.96 -3.97 11.95
N TRP B 36 3.07 -3.54 12.86
CA TRP B 36 1.65 -3.46 12.64
C TRP B 36 1.38 -1.95 12.55
N VAL B 37 0.61 -1.56 11.54
CA VAL B 37 0.21 -0.15 11.28
C VAL B 37 -1.28 -0.20 11.05
N ARG B 38 -2.04 0.71 11.65
CA ARG B 38 -3.50 0.72 11.51
C ARG B 38 -4.04 2.04 10.95
N GLN B 39 -5.28 1.99 10.44
CA GLN B 39 -5.92 3.16 9.85
C GLN B 39 -7.40 3.15 10.21
N ALA B 40 -7.77 4.08 11.09
CA ALA B 40 -9.13 4.25 11.59
C ALA B 40 -9.98 4.84 10.45
N PRO B 41 -11.32 4.59 10.43
CA PRO B 41 -12.16 5.12 9.33
C PRO B 41 -12.09 6.64 9.18
N GLY B 42 -11.78 7.09 7.97
CA GLY B 42 -11.62 8.49 7.61
C GLY B 42 -10.40 9.16 8.21
N LYS B 43 -9.46 8.37 8.78
CA LYS B 43 -8.26 8.92 9.44
C LYS B 43 -7.00 8.49 8.74
N GLY B 44 -5.87 8.95 9.25
CA GLY B 44 -4.57 8.65 8.70
C GLY B 44 -3.98 7.37 9.26
N LEU B 45 -2.77 7.10 8.90
CA LEU B 45 -2.06 5.92 9.39
C LEU B 45 -1.50 6.15 10.80
N GLU B 46 -1.40 5.08 11.57
CA GLU B 46 -0.85 5.08 12.91
C GLU B 46 -0.08 3.82 13.18
N TRP B 47 1.22 3.97 13.49
CA TRP B 47 2.06 2.84 13.85
C TRP B 47 1.57 2.30 15.23
N VAL B 48 1.46 0.97 15.35
CA VAL B 48 0.94 0.27 16.54
C VAL B 48 2.04 -0.41 17.35
N SER B 49 2.82 -1.27 16.68
CA SER B 49 3.80 -2.11 17.36
C SER B 49 4.90 -2.53 16.40
N ALA B 50 6.08 -2.87 16.94
CA ALA B 50 7.24 -3.30 16.16
C ALA B 50 7.94 -4.43 16.88
N ILE B 51 8.60 -5.30 16.10
CA ILE B 51 9.34 -6.46 16.60
C ILE B 51 10.58 -6.66 15.72
N ASN B 52 11.72 -7.00 16.34
CA ASN B 52 12.94 -7.27 15.58
C ASN B 52 12.87 -8.67 14.94
N SER B 53 13.84 -9.02 14.10
CA SER B 53 13.93 -10.30 13.39
C SER B 53 13.75 -11.57 14.27
N GLY B 54 14.48 -11.62 15.38
CA GLY B 54 14.45 -12.74 16.32
C GLY B 54 13.26 -12.78 17.27
N GLY B 55 12.63 -11.63 17.49
CA GLY B 55 11.48 -11.54 18.39
C GLY B 55 11.80 -11.12 19.82
N GLY B 56 13.08 -10.89 20.12
CA GLY B 56 13.54 -10.52 21.47
C GLY B 56 13.30 -9.09 21.89
N SER B 57 13.16 -8.19 20.93
CA SER B 57 12.93 -6.76 21.18
C SER B 57 11.61 -6.31 20.53
N THR B 58 10.75 -5.69 21.34
CA THR B 58 9.43 -5.22 20.91
C THR B 58 9.19 -3.78 21.36
N SER B 59 8.27 -3.07 20.70
CA SER B 59 7.89 -1.72 21.09
C SER B 59 6.46 -1.47 20.72
N TYR B 60 5.81 -0.54 21.42
CA TYR B 60 4.38 -0.28 21.27
C TYR B 60 4.08 1.19 21.30
N ALA B 61 3.01 1.60 20.58
CA ALA B 61 2.54 2.97 20.65
C ALA B 61 1.96 3.16 22.06
N ASP B 62 2.11 4.37 22.59
CA ASP B 62 1.54 4.73 23.91
C ASP B 62 0.07 4.37 24.03
N SER B 63 -0.73 4.53 22.93
CA SER B 63 -2.17 4.23 22.94
C SER B 63 -2.52 2.73 23.16
N VAL B 64 -1.57 1.80 22.90
CA VAL B 64 -1.85 0.35 22.99
C VAL B 64 -1.00 -0.35 24.04
N LYS B 65 0.01 0.36 24.59
CA LYS B 65 0.93 -0.20 25.58
C LYS B 65 0.17 -0.84 26.73
N GLY B 66 0.56 -2.06 27.08
CA GLY B 66 -0.10 -2.80 28.16
C GLY B 66 -1.35 -3.55 27.76
N ARG B 67 -1.87 -3.33 26.54
CA ARG B 67 -3.08 -4.03 26.07
C ARG B 67 -2.77 -4.97 24.91
N PHE B 68 -1.77 -4.63 24.10
CA PHE B 68 -1.39 -5.39 22.91
C PHE B 68 -0.04 -6.08 23.09
N THR B 69 0.13 -7.25 22.45
CA THR B 69 1.39 -8.01 22.45
C THR B 69 1.71 -8.43 21.04
N ILE B 70 2.86 -7.98 20.51
CA ILE B 70 3.35 -8.40 19.22
C ILE B 70 4.24 -9.61 19.47
N SER B 71 4.16 -10.61 18.60
CA SER B 71 5.03 -11.79 18.69
C SER B 71 5.17 -12.35 17.27
N ARG B 72 6.05 -13.33 17.09
CA ARG B 72 6.27 -13.95 15.79
C ARG B 72 6.68 -15.39 15.94
N ASP B 73 6.36 -16.20 14.93
CA ASP B 73 6.79 -17.60 14.89
C ASP B 73 7.57 -17.73 13.60
N ASN B 74 8.90 -17.69 13.69
CA ASN B 74 9.80 -17.74 12.53
C ASN B 74 9.78 -19.10 11.81
N ALA B 75 9.43 -20.20 12.50
CA ALA B 75 9.33 -21.51 11.85
C ALA B 75 8.03 -21.61 11.02
N LYS B 76 6.99 -20.81 11.37
CA LYS B 76 5.71 -20.79 10.65
C LYS B 76 5.58 -19.54 9.75
N ASN B 77 6.62 -18.68 9.70
CA ASN B 77 6.64 -17.43 8.94
C ASN B 77 5.39 -16.57 9.22
N THR B 78 5.04 -16.47 10.52
CA THR B 78 3.83 -15.75 10.93
C THR B 78 4.12 -14.72 11.99
N LEU B 79 3.50 -13.55 11.82
CA LEU B 79 3.54 -12.42 12.74
C LEU B 79 2.18 -12.41 13.45
N TYR B 80 2.18 -12.07 14.76
CA TYR B 80 0.92 -11.98 15.51
C TYR B 80 0.75 -10.66 16.23
N LEU B 81 -0.50 -10.30 16.48
CA LEU B 81 -0.87 -9.18 17.32
C LEU B 81 -2.00 -9.63 18.24
N GLN B 82 -1.67 -9.79 19.53
CA GLN B 82 -2.66 -10.16 20.53
C GLN B 82 -3.22 -8.84 21.07
N MET B 83 -4.53 -8.62 20.92
CA MET B 83 -5.14 -7.35 21.31
C MET B 83 -6.13 -7.59 22.44
N ASN B 84 -5.86 -7.04 23.62
CA ASN B 84 -6.76 -7.19 24.78
C ASN B 84 -7.41 -5.87 25.16
N SER B 85 -8.47 -5.92 25.99
CA SER B 85 -9.21 -4.76 26.52
C SER B 85 -9.48 -3.76 25.39
N LEU B 86 -10.09 -4.25 24.32
CA LEU B 86 -10.33 -3.46 23.12
C LEU B 86 -11.33 -2.34 23.34
N LYS B 87 -11.10 -1.24 22.63
CA LYS B 87 -11.88 0.00 22.71
C LYS B 87 -12.40 0.41 21.33
N PRO B 88 -13.52 1.20 21.22
CA PRO B 88 -13.93 1.73 19.91
C PRO B 88 -12.82 2.48 19.18
N GLU B 89 -11.92 3.20 19.89
CA GLU B 89 -10.78 3.88 19.25
C GLU B 89 -9.76 2.88 18.62
N ASP B 90 -9.96 1.56 18.83
CA ASP B 90 -9.11 0.54 18.21
C ASP B 90 -9.71 0.07 16.90
N THR B 91 -10.96 0.47 16.60
CA THR B 91 -11.59 0.15 15.32
C THR B 91 -10.72 0.71 14.15
N ALA B 92 -10.29 -0.17 13.23
CA ALA B 92 -9.42 0.23 12.12
C ALA B 92 -9.16 -0.97 11.24
N VAL B 93 -8.57 -0.69 10.07
CA VAL B 93 -7.98 -1.69 9.18
C VAL B 93 -6.54 -1.82 9.73
N TYR B 94 -6.11 -3.06 10.03
CA TYR B 94 -4.76 -3.36 10.57
C TYR B 94 -3.89 -3.97 9.51
N TYR B 95 -2.73 -3.36 9.27
CA TYR B 95 -1.77 -3.85 8.29
C TYR B 95 -0.52 -4.34 8.92
N CYS B 96 0.03 -5.44 8.39
N CYS B 96 0.05 -5.35 8.28
CA CYS B 96 1.38 -5.84 8.82
CA CYS B 96 1.32 -5.99 8.55
C CYS B 96 2.27 -5.23 7.72
C CYS B 96 2.31 -5.29 7.59
N ALA B 97 3.45 -4.75 8.09
CA ALA B 97 4.38 -4.05 7.19
C ALA B 97 5.82 -4.32 7.56
N THR B 98 6.71 -4.14 6.60
CA THR B 98 8.12 -4.46 6.79
C THR B 98 9.00 -3.58 5.90
N PRO B 99 10.24 -3.24 6.27
CA PRO B 99 10.97 -3.54 7.54
C PRO B 99 10.56 -2.65 8.73
N GLY B 100 10.45 -1.35 8.51
CA GLY B 100 10.09 -0.34 9.50
C GLY B 100 11.06 -0.09 10.64
N ASP B 101 12.30 -0.57 10.50
CA ASP B 101 13.30 -0.38 11.55
C ASP B 101 14.41 0.61 11.14
N ARG B 102 15.20 1.06 12.14
CA ARG B 102 16.26 2.05 12.00
C ARG B 102 17.28 1.79 10.87
N LEU B 103 17.79 0.54 10.75
CA LEU B 103 18.78 0.20 9.71
C LEU B 103 18.24 0.43 8.28
N TRP B 104 16.91 0.34 8.10
CA TRP B 104 16.27 0.56 6.81
C TRP B 104 15.58 1.92 6.78
N TYR B 105 16.06 2.86 7.65
CA TYR B 105 15.53 4.23 7.76
C TYR B 105 14.03 4.29 8.07
N TYR B 106 13.51 3.26 8.79
CA TYR B 106 12.11 3.12 9.24
C TYR B 106 11.05 3.04 8.11
N ARG B 107 11.46 2.77 6.86
CA ARG B 107 10.54 2.68 5.72
C ARG B 107 9.72 1.40 5.76
N TYR B 108 8.53 1.45 5.12
CA TYR B 108 7.73 0.27 4.94
C TYR B 108 7.74 -0.02 3.45
N ASP B 109 8.53 -1.01 3.06
CA ASP B 109 8.65 -1.40 1.66
C ASP B 109 7.50 -2.25 1.20
N TYR B 110 6.98 -3.13 2.07
CA TYR B 110 5.91 -4.09 1.74
C TYR B 110 4.87 -4.10 2.80
N TRP B 111 3.61 -4.29 2.37
CA TRP B 111 2.43 -4.27 3.23
C TRP B 111 1.52 -5.42 2.86
N GLY B 112 0.70 -5.85 3.81
CA GLY B 112 -0.38 -6.79 3.56
C GLY B 112 -1.60 -6.05 3.02
N GLN B 113 -2.68 -6.77 2.71
CA GLN B 113 -3.92 -6.18 2.21
C GLN B 113 -4.73 -5.50 3.34
N GLY B 114 -4.39 -5.83 4.58
CA GLY B 114 -5.08 -5.31 5.77
C GLY B 114 -6.23 -6.18 6.24
N THR B 115 -6.53 -6.12 7.53
CA THR B 115 -7.66 -6.87 8.14
C THR B 115 -8.51 -5.90 8.97
N GLN B 116 -9.84 -5.95 8.79
CA GLN B 116 -10.78 -5.05 9.50
C GLN B 116 -11.08 -5.47 10.95
N VAL B 117 -10.93 -4.53 11.90
CA VAL B 117 -11.25 -4.79 13.30
C VAL B 117 -12.31 -3.76 13.67
N THR B 118 -13.44 -4.22 14.26
CA THR B 118 -14.53 -3.35 14.70
C THR B 118 -14.82 -3.65 16.16
N VAL B 119 -14.69 -2.62 17.01
CA VAL B 119 -14.97 -2.75 18.44
C VAL B 119 -16.28 -2.03 18.68
N SER B 120 -17.36 -2.80 18.95
CA SER B 120 -18.68 -2.20 19.12
C SER B 120 -19.59 -3.12 19.90
N SER B 121 -20.55 -2.54 20.64
N SER B 121 -20.58 -2.58 20.64
CA SER B 121 -21.62 -3.26 21.35
CA SER B 121 -21.52 -3.42 21.41
C SER B 121 -22.73 -3.24 20.32
C SER B 121 -22.65 -4.04 20.55
N ALA B 122 -22.69 -4.21 19.44
N ALA B 122 -22.57 -3.84 19.24
CA ALA B 122 -23.59 -4.39 18.30
CA ALA B 122 -23.51 -4.34 18.25
C ALA B 122 -23.34 -5.80 17.82
C ALA B 122 -23.38 -5.85 18.00
N SER B 123 -24.35 -6.41 17.23
CA SER B 123 -24.29 -7.79 16.78
C SER B 123 -23.90 -7.81 15.30
N THR B 124 -23.26 -8.89 14.83
CA THR B 124 -23.00 -9.03 13.39
C THR B 124 -24.37 -9.27 12.73
N LYS B 125 -24.50 -8.91 11.47
CA LYS B 125 -25.73 -9.14 10.73
C LYS B 125 -25.35 -9.54 9.32
N GLY B 126 -25.75 -10.75 8.92
CA GLY B 126 -25.49 -11.30 7.60
C GLY B 126 -26.35 -10.62 6.55
N PRO B 127 -25.86 -10.47 5.30
CA PRO B 127 -26.69 -9.78 4.29
C PRO B 127 -27.76 -10.64 3.65
N SER B 128 -28.74 -9.98 3.03
CA SER B 128 -29.70 -10.60 2.15
C SER B 128 -29.09 -10.34 0.77
N VAL B 129 -29.12 -11.35 -0.11
CA VAL B 129 -28.57 -11.23 -1.46
C VAL B 129 -29.71 -11.30 -2.47
N PHE B 130 -29.82 -10.28 -3.35
CA PHE B 130 -30.88 -10.24 -4.37
C PHE B 130 -30.29 -10.08 -5.76
N PRO B 131 -30.81 -10.80 -6.77
CA PRO B 131 -30.23 -10.63 -8.11
C PRO B 131 -30.75 -9.35 -8.76
N LEU B 132 -29.92 -8.72 -9.59
CA LEU B 132 -30.29 -7.54 -10.36
C LEU B 132 -30.25 -8.00 -11.82
N ALA B 133 -31.41 -8.47 -12.31
CA ALA B 133 -31.65 -9.08 -13.63
C ALA B 133 -31.20 -8.21 -14.83
N PRO B 134 -30.56 -8.83 -15.86
CA PRO B 134 -30.12 -8.05 -17.04
C PRO B 134 -31.22 -7.31 -17.80
N THR B 143 -23.99 -4.79 -25.31
CA THR B 143 -23.71 -5.49 -24.05
C THR B 143 -24.93 -5.52 -23.10
N ALA B 144 -24.81 -6.26 -21.98
CA ALA B 144 -25.85 -6.37 -20.96
C ALA B 144 -25.26 -6.28 -19.55
N ALA B 145 -25.89 -5.48 -18.68
CA ALA B 145 -25.48 -5.32 -17.28
C ALA B 145 -26.40 -6.07 -16.32
N LEU B 146 -25.79 -6.92 -15.49
CA LEU B 146 -26.49 -7.68 -14.46
C LEU B 146 -25.68 -7.63 -13.18
N GLY B 147 -26.30 -7.95 -12.06
CA GLY B 147 -25.60 -7.92 -10.79
C GLY B 147 -26.28 -8.55 -9.59
N CYS B 148 -25.74 -8.23 -8.42
CA CYS B 148 -26.23 -8.71 -7.13
C CYS B 148 -26.26 -7.55 -6.16
N LEU B 149 -27.37 -7.43 -5.43
CA LEU B 149 -27.59 -6.44 -4.39
C LEU B 149 -27.35 -7.17 -3.05
N VAL B 150 -26.37 -6.69 -2.28
CA VAL B 150 -25.95 -7.25 -0.99
C VAL B 150 -26.42 -6.24 0.06
N LYS B 151 -27.58 -6.53 0.65
CA LYS B 151 -28.30 -5.63 1.53
C LYS B 151 -28.21 -5.90 3.02
N ASP B 152 -28.07 -4.79 3.81
CA ASP B 152 -28.17 -4.70 5.26
C ASP B 152 -27.26 -5.66 6.04
N TYR B 153 -25.95 -5.42 5.96
CA TYR B 153 -25.05 -6.24 6.72
C TYR B 153 -24.22 -5.38 7.68
N PHE B 154 -23.59 -6.03 8.66
CA PHE B 154 -22.74 -5.35 9.63
C PHE B 154 -21.84 -6.36 10.26
N PRO B 155 -20.56 -6.02 10.47
CA PRO B 155 -19.84 -4.84 9.96
C PRO B 155 -19.27 -5.15 8.58
N GLU B 156 -18.44 -4.25 8.04
CA GLU B 156 -17.74 -4.49 6.80
C GLU B 156 -16.59 -5.46 7.13
N PRO B 157 -16.05 -6.25 6.17
CA PRO B 157 -16.39 -6.25 4.74
C PRO B 157 -17.19 -7.46 4.25
N VAL B 158 -17.67 -7.36 3.00
CA VAL B 158 -18.24 -8.48 2.25
C VAL B 158 -17.33 -8.61 1.02
N THR B 159 -17.11 -9.84 0.55
CA THR B 159 -16.36 -10.04 -0.70
C THR B 159 -17.35 -10.58 -1.73
N VAL B 160 -17.19 -10.19 -3.00
CA VAL B 160 -18.05 -10.67 -4.09
C VAL B 160 -17.17 -11.15 -5.26
N SER B 161 -17.43 -12.37 -5.70
CA SER B 161 -16.77 -12.95 -6.86
C SER B 161 -17.86 -13.41 -7.82
N TRP B 162 -17.50 -13.67 -9.08
CA TRP B 162 -18.45 -14.12 -10.07
C TRP B 162 -17.97 -15.43 -10.67
N ASN B 163 -18.89 -16.43 -10.71
CA ASN B 163 -18.66 -17.80 -11.21
C ASN B 163 -17.43 -18.45 -10.54
N SER B 164 -17.38 -18.34 -9.20
CA SER B 164 -16.32 -18.84 -8.29
C SER B 164 -14.91 -18.27 -8.61
N GLY B 165 -14.87 -17.07 -9.17
CA GLY B 165 -13.63 -16.39 -9.53
C GLY B 165 -13.22 -16.48 -10.99
N ALA B 166 -13.95 -17.23 -11.79
CA ALA B 166 -13.66 -17.38 -13.21
C ALA B 166 -13.92 -16.11 -14.01
N LEU B 167 -15.03 -15.44 -13.70
CA LEU B 167 -15.44 -14.23 -14.34
C LEU B 167 -14.82 -13.03 -13.60
N THR B 168 -14.00 -12.25 -14.29
CA THR B 168 -13.36 -11.08 -13.69
C THR B 168 -13.37 -9.87 -14.58
N SER B 169 -13.43 -10.07 -15.88
CA SER B 169 -13.46 -8.96 -16.81
C SER B 169 -14.87 -8.41 -16.87
N GLY B 170 -15.03 -7.11 -16.77
CA GLY B 170 -16.35 -6.54 -16.82
C GLY B 170 -17.03 -6.39 -15.46
N VAL B 171 -16.30 -6.74 -14.41
CA VAL B 171 -16.82 -6.70 -13.05
C VAL B 171 -16.53 -5.38 -12.32
N HIS B 172 -17.57 -4.82 -11.72
CA HIS B 172 -17.47 -3.57 -10.97
C HIS B 172 -18.27 -3.73 -9.68
N THR B 173 -17.55 -3.98 -8.58
CA THR B 173 -18.13 -4.08 -7.24
C THR B 173 -18.00 -2.69 -6.64
N PHE B 174 -19.14 -2.08 -6.33
CA PHE B 174 -19.21 -0.72 -5.82
C PHE B 174 -18.90 -0.65 -4.33
N PRO B 175 -18.19 0.41 -3.85
CA PRO B 175 -18.01 0.56 -2.40
C PRO B 175 -19.37 0.64 -1.71
N ALA B 176 -19.46 0.12 -0.49
CA ALA B 176 -20.71 0.06 0.25
C ALA B 176 -21.24 1.41 0.72
N VAL B 177 -22.56 1.50 0.85
CA VAL B 177 -23.22 2.65 1.47
C VAL B 177 -23.47 2.28 2.94
N LEU B 178 -23.19 3.22 3.85
CA LEU B 178 -23.51 3.05 5.26
C LEU B 178 -24.77 3.84 5.44
N GLN B 179 -25.88 3.13 5.57
CA GLN B 179 -27.20 3.74 5.72
C GLN B 179 -27.38 4.34 7.11
N SER B 180 -28.36 5.25 7.27
CA SER B 180 -28.72 5.93 8.54
C SER B 180 -28.94 4.92 9.67
N SER B 181 -29.46 3.72 9.31
CA SER B 181 -29.74 2.58 10.19
C SER B 181 -28.51 1.97 10.88
N GLY B 182 -27.33 2.18 10.28
CA GLY B 182 -26.08 1.60 10.79
C GLY B 182 -25.71 0.32 10.07
N LEU B 183 -26.51 -0.07 9.06
CA LEU B 183 -26.24 -1.25 8.25
C LEU B 183 -25.71 -0.83 6.90
N TYR B 184 -24.85 -1.67 6.31
CA TYR B 184 -24.25 -1.45 5.01
C TYR B 184 -24.99 -2.19 3.93
N SER B 185 -24.89 -1.68 2.70
CA SER B 185 -25.37 -2.32 1.49
C SER B 185 -24.40 -2.03 0.37
N LEU B 186 -24.24 -2.98 -0.53
CA LEU B 186 -23.44 -2.75 -1.73
C LEU B 186 -24.03 -3.49 -2.93
N SER B 187 -23.51 -3.17 -4.11
CA SER B 187 -23.91 -3.80 -5.36
C SER B 187 -22.67 -4.17 -6.13
N SER B 188 -22.74 -5.29 -6.86
CA SER B 188 -21.68 -5.75 -7.75
C SER B 188 -22.33 -5.97 -9.09
N VAL B 189 -21.79 -5.37 -10.15
CA VAL B 189 -22.35 -5.53 -11.50
C VAL B 189 -21.31 -6.00 -12.50
N VAL B 190 -21.73 -6.86 -13.43
CA VAL B 190 -20.86 -7.38 -14.49
C VAL B 190 -21.46 -7.07 -15.87
N THR B 191 -20.64 -6.48 -16.75
CA THR B 191 -21.01 -6.14 -18.13
C THR B 191 -20.61 -7.34 -18.99
N VAL B 192 -21.61 -8.04 -19.54
CA VAL B 192 -21.37 -9.24 -20.36
C VAL B 192 -22.05 -9.14 -21.75
N PRO B 193 -21.59 -9.87 -22.80
CA PRO B 193 -22.29 -9.78 -24.11
C PRO B 193 -23.73 -10.30 -24.03
N SER B 194 -24.65 -9.64 -24.76
CA SER B 194 -26.08 -9.98 -24.82
C SER B 194 -26.30 -11.43 -25.28
N SER B 195 -25.42 -11.92 -26.18
CA SER B 195 -25.40 -13.27 -26.77
C SER B 195 -25.31 -14.39 -25.72
N SER B 196 -24.52 -14.16 -24.64
CA SER B 196 -24.28 -15.13 -23.56
C SER B 196 -25.48 -15.34 -22.61
N LEU B 197 -26.49 -14.42 -22.62
CA LEU B 197 -27.67 -14.54 -21.76
C LEU B 197 -28.53 -15.74 -22.18
N GLY B 198 -28.67 -16.70 -21.27
CA GLY B 198 -29.41 -17.94 -21.51
C GLY B 198 -28.49 -19.13 -21.60
N THR B 199 -27.43 -19.03 -22.45
CA THR B 199 -26.42 -20.07 -22.64
C THR B 199 -25.41 -20.12 -21.47
N GLN B 200 -25.00 -18.94 -20.95
CA GLN B 200 -24.04 -18.82 -19.85
C GLN B 200 -24.71 -18.52 -18.50
N THR B 201 -24.36 -19.33 -17.48
CA THR B 201 -24.87 -19.22 -16.12
C THR B 201 -24.03 -18.18 -15.36
N TYR B 202 -24.69 -17.20 -14.72
CA TYR B 202 -24.03 -16.15 -13.94
C TYR B 202 -24.40 -16.24 -12.47
N ILE B 203 -23.41 -16.53 -11.62
CA ILE B 203 -23.60 -16.66 -10.17
C ILE B 203 -22.68 -15.72 -9.40
N CYS B 204 -23.26 -14.94 -8.47
CA CYS B 204 -22.45 -14.09 -7.60
C CYS B 204 -22.21 -14.82 -6.30
N ASN B 205 -20.95 -14.92 -5.89
CA ASN B 205 -20.57 -15.61 -4.64
C ASN B 205 -20.29 -14.53 -3.61
N VAL B 206 -21.19 -14.41 -2.63
CA VAL B 206 -21.14 -13.40 -1.58
C VAL B 206 -20.70 -14.03 -0.28
N ASN B 207 -19.64 -13.45 0.33
N ASN B 207 -19.65 -13.45 0.33
CA ASN B 207 -19.09 -13.93 1.59
CA ASN B 207 -19.11 -13.92 1.60
C ASN B 207 -19.03 -12.80 2.61
C ASN B 207 -19.07 -12.78 2.60
N HIS B 208 -19.58 -13.04 3.81
CA HIS B 208 -19.56 -12.09 4.92
C HIS B 208 -19.06 -12.90 6.12
N LYS B 209 -17.73 -12.95 6.23
CA LYS B 209 -17.01 -13.69 7.28
C LYS B 209 -17.46 -13.32 8.71
N PRO B 210 -17.73 -12.02 9.08
CA PRO B 210 -18.15 -11.73 10.46
C PRO B 210 -19.38 -12.47 10.97
N SER B 211 -20.33 -12.78 10.08
CA SER B 211 -21.55 -13.51 10.43
C SER B 211 -21.52 -14.93 9.83
N ASN B 212 -20.37 -15.30 9.21
CA ASN B 212 -20.09 -16.56 8.51
C ASN B 212 -21.19 -16.92 7.49
N THR B 213 -21.70 -15.89 6.77
CA THR B 213 -22.74 -16.02 5.75
C THR B 213 -22.09 -16.23 4.38
N LYS B 214 -22.53 -17.27 3.67
CA LYS B 214 -22.03 -17.63 2.34
C LYS B 214 -23.24 -17.86 1.44
N VAL B 215 -23.45 -16.95 0.48
CA VAL B 215 -24.59 -16.99 -0.44
C VAL B 215 -24.10 -17.02 -1.88
N ASP B 216 -24.58 -18.00 -2.64
CA ASP B 216 -24.32 -18.15 -4.07
C ASP B 216 -25.66 -17.86 -4.76
N LYS B 217 -25.73 -16.74 -5.50
CA LYS B 217 -26.97 -16.32 -6.14
C LYS B 217 -26.90 -16.26 -7.68
N LYS B 218 -27.69 -17.11 -8.34
CA LYS B 218 -27.79 -17.17 -9.79
C LYS B 218 -28.64 -15.99 -10.27
N VAL B 219 -28.12 -15.24 -11.26
CA VAL B 219 -28.79 -14.06 -11.80
C VAL B 219 -29.30 -14.46 -13.18
N GLU B 220 -30.63 -14.47 -13.32
CA GLU B 220 -31.33 -14.88 -14.54
C GLU B 220 -32.16 -13.73 -15.12
N PRO B 221 -32.42 -13.72 -16.45
CA PRO B 221 -33.29 -12.67 -17.02
C PRO B 221 -34.75 -12.85 -16.60
N LYS B 222 -35.51 -11.73 -16.55
CA LYS B 222 -36.93 -11.75 -16.18
C LYS B 222 -37.78 -12.35 -17.29
N GLN C 1 -4.72 14.22 17.07
N GLN C 1 0.98 17.19 22.03
CA GLN C 1 -5.30 13.63 15.87
CA GLN C 1 2.23 17.09 21.30
C GLN C 1 -4.29 12.86 15.01
C GLN C 1 1.92 17.43 19.87
N ALA C 2 -3.08 13.45 14.79
N ALA C 2 2.63 18.41 19.29
CA ALA C 2 -1.98 12.85 14.03
CA ALA C 2 2.47 18.72 17.88
C ALA C 2 -0.64 13.32 14.63
C ALA C 2 2.80 17.46 17.06
N GLY C 3 0.47 12.67 14.25
N GLY C 3 1.96 17.17 16.06
CA GLY C 3 1.82 12.99 14.69
CA GLY C 3 2.14 16.01 15.20
C GLY C 3 2.48 14.20 14.04
C GLY C 3 2.56 16.41 13.81
N LEU C 4 2.29 14.41 12.71
N LEU C 4 2.87 15.43 12.93
CA LEU C 4 2.86 15.52 11.89
CA LEU C 4 3.20 15.76 11.55
C LEU C 4 1.75 16.40 11.22
C LEU C 4 1.96 16.35 10.93
N THR C 5 2.07 17.62 10.63
CA THR C 5 1.00 18.46 10.08
C THR C 5 1.13 18.69 8.57
N GLN C 6 0.15 18.19 7.81
CA GLN C 6 0.08 18.35 6.35
C GLN C 6 -1.14 19.17 5.95
N PRO C 7 -1.15 19.83 4.77
CA PRO C 7 -2.40 20.51 4.32
C PRO C 7 -3.46 19.46 3.97
N PRO C 8 -4.72 19.50 4.45
CA PRO C 8 -5.66 18.42 4.09
C PRO C 8 -5.87 18.26 2.58
N SER C 9 -5.81 19.38 1.84
CA SER C 9 -6.07 19.42 0.39
C SER C 9 -5.10 20.33 -0.35
N VAL C 10 -4.59 19.84 -1.49
CA VAL C 10 -3.77 20.63 -2.40
C VAL C 10 -4.29 20.32 -3.81
N SER C 11 -4.09 21.26 -4.74
CA SER C 11 -4.45 21.11 -6.15
C SER C 11 -3.21 21.46 -6.97
N GLY C 12 -3.05 20.78 -8.08
CA GLY C 12 -2.00 21.00 -9.06
C GLY C 12 -2.65 20.78 -10.41
N THR C 13 -2.01 21.23 -11.48
CA THR C 13 -2.57 21.11 -12.82
C THR C 13 -1.85 20.01 -13.60
N LEU C 14 -2.61 19.24 -14.39
CA LEU C 14 -2.10 18.16 -15.25
C LEU C 14 -0.89 18.67 -16.06
N GLY C 15 0.22 17.94 -16.00
CA GLY C 15 1.46 18.27 -16.69
C GLY C 15 2.36 19.22 -15.92
N LYS C 16 1.82 19.84 -14.86
CA LYS C 16 2.56 20.83 -14.05
C LYS C 16 3.04 20.20 -12.73
N ALA C 17 3.46 21.03 -11.78
CA ALA C 17 4.02 20.58 -10.51
C ALA C 17 3.25 21.05 -9.31
N VAL C 18 3.45 20.37 -8.18
CA VAL C 18 2.83 20.68 -6.91
C VAL C 18 3.79 20.30 -5.77
N THR C 19 3.67 20.98 -4.62
CA THR C 19 4.43 20.62 -3.42
C THR C 19 3.48 20.30 -2.27
N ILE C 20 3.85 19.35 -1.43
CA ILE C 20 3.05 18.96 -0.26
C ILE C 20 3.97 19.10 0.93
N SER C 21 3.59 19.96 1.88
CA SER C 21 4.44 20.19 3.07
C SER C 21 4.04 19.26 4.22
N CYS C 22 4.97 19.05 5.15
N CYS C 22 4.99 19.03 5.14
CA CYS C 22 4.75 18.21 6.32
CA CYS C 22 4.87 18.14 6.30
C CYS C 22 5.57 18.84 7.44
C CYS C 22 5.62 18.82 7.47
N ALA C 23 4.91 19.54 8.37
CA ALA C 23 5.59 20.21 9.50
C ALA C 23 5.70 19.33 10.71
N GLY C 24 6.93 19.17 11.20
CA GLY C 24 7.23 18.35 12.35
C GLY C 24 7.93 19.10 13.46
N THR C 25 8.76 18.39 14.22
CA THR C 25 9.51 18.93 15.36
C THR C 25 10.98 18.50 15.25
N SER C 26 11.83 19.06 16.11
CA SER C 26 13.25 18.71 16.20
C SER C 26 13.46 17.25 16.73
N SER C 27 12.39 16.61 17.22
CA SER C 27 12.43 15.21 17.70
C SER C 27 12.19 14.24 16.51
N ASP C 28 11.56 14.71 15.42
CA ASP C 28 11.28 13.82 14.26
C ASP C 28 11.93 14.19 12.92
N ILE C 29 11.36 15.13 12.15
CA ILE C 29 11.88 15.57 10.84
C ILE C 29 13.27 16.25 11.03
N GLY C 30 13.40 17.09 12.05
CA GLY C 30 14.66 17.77 12.35
C GLY C 30 15.67 16.94 13.12
N TYR C 31 15.36 15.66 13.40
CA TYR C 31 16.22 14.75 14.19
C TYR C 31 17.18 13.90 13.34
N GLY C 32 16.74 13.48 12.18
CA GLY C 32 17.56 12.67 11.29
C GLY C 32 16.99 12.61 9.89
N ASN C 33 17.53 11.72 9.06
CA ASN C 33 17.11 11.52 7.67
C ASN C 33 16.14 10.35 7.59
N TYR C 34 15.09 10.37 8.43
CA TYR C 34 14.15 9.26 8.54
C TYR C 34 12.76 9.57 7.99
N VAL C 35 12.68 10.51 7.04
CA VAL C 35 11.44 10.92 6.41
C VAL C 35 11.08 10.01 5.24
N SER C 36 9.84 9.52 5.27
CA SER C 36 9.27 8.70 4.21
C SER C 36 7.97 9.36 3.72
N TRP C 37 7.60 9.09 2.45
CA TRP C 37 6.34 9.55 1.87
C TRP C 37 5.64 8.35 1.24
N TYR C 38 4.34 8.25 1.48
CA TYR C 38 3.47 7.18 0.99
C TYR C 38 2.33 7.72 0.16
N GLN C 39 1.96 6.98 -0.91
CA GLN C 39 0.77 7.33 -1.66
C GLN C 39 -0.29 6.31 -1.24
N GLN C 40 -1.57 6.68 -1.23
CA GLN C 40 -2.64 5.74 -0.92
C GLN C 40 -3.92 6.08 -1.66
N LEU C 41 -4.59 5.04 -2.14
CA LEU C 41 -5.94 5.14 -2.67
C LEU C 41 -6.83 4.48 -1.62
N PRO C 42 -7.96 5.11 -1.18
CA PRO C 42 -8.82 4.46 -0.15
C PRO C 42 -9.15 2.99 -0.46
N GLY C 43 -9.10 2.15 0.57
CA GLY C 43 -9.36 0.72 0.46
C GLY C 43 -8.14 -0.14 0.11
N THR C 44 -6.97 0.48 -0.11
CA THR C 44 -5.76 -0.31 -0.43
C THR C 44 -4.63 0.15 0.45
N ALA C 45 -3.62 -0.70 0.59
CA ALA C 45 -2.44 -0.39 1.40
C ALA C 45 -1.66 0.78 0.83
N PRO C 46 -1.05 1.61 1.70
CA PRO C 46 -0.18 2.68 1.21
C PRO C 46 1.02 2.10 0.44
N LYS C 47 1.58 2.89 -0.47
CA LYS C 47 2.73 2.48 -1.26
C LYS C 47 3.82 3.51 -1.04
N LEU C 48 5.03 3.04 -0.72
CA LEU C 48 6.16 3.92 -0.46
C LEU C 48 6.59 4.62 -1.75
N LEU C 49 6.85 5.94 -1.66
CA LEU C 49 7.33 6.77 -2.76
C LEU C 49 8.75 7.22 -2.48
N ILE C 50 8.98 7.72 -1.27
CA ILE C 50 10.27 8.29 -0.86
C ILE C 50 10.67 7.75 0.48
N TYR C 51 11.97 7.55 0.69
CA TYR C 51 12.51 7.13 1.98
C TYR C 51 13.81 7.90 2.16
N LYS C 52 14.31 7.96 3.42
CA LYS C 52 15.55 8.67 3.73
C LYS C 52 15.52 10.12 3.15
N VAL C 53 14.37 10.81 3.35
CA VAL C 53 14.08 12.20 2.95
C VAL C 53 13.94 12.40 1.43
N SER C 54 14.88 11.87 0.61
CA SER C 54 14.96 12.13 -0.83
C SER C 54 15.19 10.95 -1.77
N ARG C 55 15.30 9.72 -1.25
CA ARG C 55 15.53 8.54 -2.10
C ARG C 55 14.21 7.97 -2.63
N ARG C 56 14.17 7.62 -3.91
CA ARG C 56 12.98 7.08 -4.54
C ARG C 56 12.88 5.58 -4.27
N ALA C 57 11.65 5.09 -4.04
CA ALA C 57 11.35 3.68 -3.84
C ALA C 57 11.33 2.98 -5.21
N SER C 58 11.22 1.62 -5.23
CA SER C 58 11.20 0.78 -6.45
C SER C 58 10.11 1.17 -7.46
N GLY C 59 10.55 1.44 -8.68
CA GLY C 59 9.70 1.85 -9.79
C GLY C 59 9.10 3.24 -9.69
N VAL C 60 9.55 4.06 -8.72
CA VAL C 60 9.04 5.43 -8.53
C VAL C 60 9.85 6.36 -9.42
N PRO C 61 9.21 7.07 -10.38
CA PRO C 61 10.01 7.94 -11.28
C PRO C 61 10.51 9.19 -10.57
N ASP C 62 11.59 9.80 -11.10
CA ASP C 62 12.28 10.99 -10.58
C ASP C 62 11.40 12.26 -10.49
N ARG C 63 10.21 12.30 -11.16
CA ARG C 63 9.25 13.41 -11.02
C ARG C 63 8.72 13.52 -9.56
N PHE C 64 8.89 12.44 -8.77
CA PHE C 64 8.56 12.42 -7.34
C PHE C 64 9.89 12.72 -6.64
N SER C 65 9.95 13.83 -5.90
CA SER C 65 11.18 14.17 -5.19
C SER C 65 10.87 14.63 -3.79
N GLY C 66 11.78 14.36 -2.87
CA GLY C 66 11.61 14.75 -1.48
C GLY C 66 12.78 15.57 -0.99
N SER C 67 12.50 16.44 -0.01
CA SER C 67 13.49 17.30 0.63
C SER C 67 13.02 17.67 2.03
N LYS C 68 13.86 18.37 2.79
CA LYS C 68 13.50 18.88 4.10
C LYS C 68 14.31 20.13 4.41
N SER C 69 13.76 21.01 5.25
CA SER C 69 14.43 22.24 5.69
C SER C 69 13.99 22.44 7.13
N GLY C 70 14.93 22.34 8.05
CA GLY C 70 14.63 22.43 9.48
C GLY C 70 13.70 21.29 9.88
N ASN C 71 12.56 21.63 10.49
CA ASN C 71 11.58 20.67 10.95
C ASN C 71 10.44 20.36 9.95
N THR C 72 10.55 20.86 8.70
CA THR C 72 9.52 20.64 7.69
C THR C 72 10.04 19.87 6.48
N ALA C 73 9.31 18.82 6.08
CA ALA C 73 9.64 18.03 4.89
C ALA C 73 8.69 18.41 3.76
N SER C 74 9.14 18.23 2.50
CA SER C 74 8.28 18.51 1.35
C SER C 74 8.36 17.42 0.32
N LEU C 75 7.22 17.07 -0.23
CA LEU C 75 7.14 16.15 -1.35
C LEU C 75 6.79 17.02 -2.57
N SER C 76 7.59 16.94 -3.60
CA SER C 76 7.36 17.66 -4.85
C SER C 76 7.02 16.63 -5.93
N ILE C 77 5.97 16.91 -6.71
CA ILE C 77 5.50 16.05 -7.81
C ILE C 77 5.40 16.91 -9.06
N SER C 78 6.20 16.61 -10.08
CA SER C 78 6.17 17.36 -11.36
C SER C 78 5.60 16.42 -12.44
N GLY C 79 5.26 17.00 -13.60
CA GLY C 79 4.60 16.27 -14.69
C GLY C 79 3.35 15.55 -14.21
N LEU C 80 2.48 16.24 -13.43
CA LEU C 80 1.25 15.65 -12.84
C LEU C 80 0.39 14.84 -13.84
N GLN C 81 0.03 13.62 -13.42
CA GLN C 81 -0.77 12.66 -14.18
C GLN C 81 -2.07 12.38 -13.43
N SER C 82 -3.09 11.85 -14.15
CA SER C 82 -4.40 11.46 -13.57
C SER C 82 -4.23 10.48 -12.39
N GLU C 83 -3.25 9.56 -12.48
CA GLU C 83 -2.89 8.57 -11.46
C GLU C 83 -2.48 9.27 -10.15
N ASP C 84 -1.93 10.51 -10.22
CA ASP C 84 -1.44 11.22 -9.01
C ASP C 84 -2.54 11.76 -8.10
N GLU C 85 -3.80 11.79 -8.59
CA GLU C 85 -4.97 12.25 -7.80
C GLU C 85 -5.25 11.18 -6.78
N ALA C 86 -4.77 11.39 -5.57
CA ALA C 86 -4.77 10.38 -4.51
C ALA C 86 -4.41 11.02 -3.17
N ASP C 87 -4.24 10.21 -2.13
CA ASP C 87 -3.83 10.68 -0.81
C ASP C 87 -2.32 10.44 -0.60
N TYR C 88 -1.65 11.34 0.13
CA TYR C 88 -0.21 11.30 0.42
C TYR C 88 0.01 11.48 1.89
N TYR C 89 0.90 10.67 2.45
CA TYR C 89 1.23 10.74 3.87
C TYR C 89 2.72 10.84 4.03
N CYS C 90 3.15 11.75 4.89
N CYS C 90 3.14 11.70 4.96
CA CYS C 90 4.57 11.82 5.30
CA CYS C 90 4.53 11.91 5.37
C CYS C 90 4.68 10.96 6.58
C CYS C 90 4.72 11.14 6.69
N ALA C 91 5.90 10.49 6.87
CA ALA C 91 6.18 9.72 8.07
C ALA C 91 7.59 10.02 8.48
N SER C 92 7.85 9.94 9.77
CA SER C 92 9.19 10.09 10.30
C SER C 92 9.35 9.31 11.57
N TYR C 93 10.58 8.89 11.85
CA TYR C 93 10.90 8.35 13.15
C TYR C 93 10.77 9.54 14.11
N ARG C 94 10.25 9.30 15.31
CA ARG C 94 10.22 10.32 16.37
C ARG C 94 10.92 9.71 17.58
N TYR C 95 11.90 10.43 18.15
CA TYR C 95 12.62 10.03 19.34
C TYR C 95 11.68 9.36 20.39
N ARG C 96 11.95 8.06 20.69
CA ARG C 96 11.22 7.21 21.65
C ARG C 96 9.76 6.85 21.24
N ASN C 97 9.34 7.14 19.99
CA ASN C 97 7.95 6.89 19.56
C ASN C 97 7.83 6.14 18.25
N ASN C 98 8.97 5.56 17.78
CA ASN C 98 9.06 4.81 16.53
C ASN C 98 8.50 5.73 15.41
N VAL C 99 7.69 5.22 14.47
CA VAL C 99 7.20 6.03 13.35
C VAL C 99 5.93 6.83 13.68
N VAL C 100 5.97 8.15 13.36
CA VAL C 100 4.83 9.08 13.44
C VAL C 100 4.43 9.43 11.99
N PHE C 101 3.16 9.70 11.76
CA PHE C 101 2.63 10.01 10.44
C PHE C 101 1.91 11.35 10.46
N GLY C 102 1.86 11.99 9.30
CA GLY C 102 1.04 13.17 9.04
C GLY C 102 -0.40 12.72 8.90
N GLY C 103 -1.33 13.68 8.93
CA GLY C 103 -2.75 13.41 8.80
C GLY C 103 -3.21 13.12 7.38
N GLY C 104 -2.32 13.33 6.42
CA GLY C 104 -2.64 13.08 5.03
C GLY C 104 -3.05 14.30 4.22
N THR C 105 -2.78 14.23 2.92
CA THR C 105 -3.15 15.26 1.98
C THR C 105 -3.84 14.64 0.78
N HIS C 106 -5.02 15.17 0.41
CA HIS C 106 -5.69 14.72 -0.80
C HIS C 106 -5.24 15.64 -1.93
N LEU C 107 -4.61 15.08 -2.95
CA LEU C 107 -4.19 15.85 -4.11
C LEU C 107 -5.21 15.77 -5.24
N THR C 108 -5.68 16.93 -5.75
CA THR C 108 -6.57 17.02 -6.93
C THR C 108 -5.71 17.42 -8.13
N VAL C 109 -5.86 16.72 -9.24
CA VAL C 109 -5.13 17.04 -10.46
C VAL C 109 -6.12 17.70 -11.41
N LEU C 110 -6.04 19.04 -11.49
CA LEU C 110 -6.90 19.90 -12.31
C LEU C 110 -6.51 19.83 -13.78
N GLY C 111 -7.41 20.28 -14.66
CA GLY C 111 -7.16 20.32 -16.10
C GLY C 111 -7.35 19.00 -16.81
N GLN C 112 -7.94 18.00 -16.14
CA GLN C 112 -8.22 16.70 -16.75
C GLN C 112 -9.51 16.81 -17.58
N PRO C 113 -9.73 16.00 -18.64
CA PRO C 113 -11.01 16.13 -19.38
C PRO C 113 -12.24 15.80 -18.52
N LYS C 114 -13.31 16.58 -18.70
CA LYS C 114 -14.57 16.32 -18.00
C LYS C 114 -15.18 15.04 -18.60
N ALA C 115 -15.68 14.16 -17.73
CA ALA C 115 -16.35 12.94 -18.16
C ALA C 115 -17.70 12.90 -17.48
N ALA C 116 -18.80 12.84 -18.27
CA ALA C 116 -20.15 12.76 -17.73
C ALA C 116 -20.40 11.36 -17.12
N PRO C 117 -21.20 11.26 -16.04
CA PRO C 117 -21.49 9.94 -15.47
C PRO C 117 -22.32 9.04 -16.37
N SER C 118 -22.02 7.77 -16.33
CA SER C 118 -22.80 6.73 -16.96
C SER C 118 -23.71 6.22 -15.80
N VAL C 119 -25.03 6.17 -16.00
CA VAL C 119 -26.00 5.82 -14.96
C VAL C 119 -26.78 4.54 -15.31
N THR C 120 -26.84 3.58 -14.37
CA THR C 120 -27.63 2.33 -14.49
C THR C 120 -28.60 2.31 -13.31
N LEU C 121 -29.89 2.11 -13.58
CA LEU C 121 -30.91 2.06 -12.54
C LEU C 121 -31.59 0.69 -12.54
N PHE C 122 -31.56 -0.02 -11.39
CA PHE C 122 -32.23 -1.31 -11.29
C PHE C 122 -33.48 -1.19 -10.44
N PRO C 123 -34.61 -1.77 -10.90
CA PRO C 123 -35.83 -1.74 -10.07
C PRO C 123 -35.72 -2.80 -8.95
N PRO C 124 -36.64 -2.85 -7.94
CA PRO C 124 -36.57 -3.95 -6.97
C PRO C 124 -36.77 -5.32 -7.66
N SER C 125 -36.02 -6.34 -7.22
CA SER C 125 -36.13 -7.70 -7.75
C SER C 125 -37.41 -8.34 -7.24
N SER C 126 -37.91 -9.37 -7.94
CA SER C 126 -39.12 -10.08 -7.53
C SER C 126 -38.91 -10.78 -6.18
N GLU C 127 -37.65 -11.23 -5.93
CA GLU C 127 -37.22 -11.89 -4.69
C GLU C 127 -37.33 -10.94 -3.49
N GLU C 128 -36.85 -9.67 -3.64
CA GLU C 128 -36.97 -8.66 -2.58
C GLU C 128 -38.45 -8.32 -2.29
N LEU C 129 -39.27 -8.19 -3.34
CA LEU C 129 -40.70 -7.88 -3.19
C LEU C 129 -41.46 -8.97 -2.43
N GLN C 130 -41.03 -10.24 -2.58
CA GLN C 130 -41.62 -11.39 -1.88
C GLN C 130 -41.29 -11.31 -0.38
N ALA C 131 -40.14 -10.70 -0.04
CA ALA C 131 -39.66 -10.49 1.33
C ALA C 131 -40.24 -9.19 1.95
N ASN C 132 -41.24 -8.57 1.27
CA ASN C 132 -41.96 -7.35 1.66
C ASN C 132 -41.03 -6.10 1.77
N LYS C 133 -40.05 -6.03 0.87
CA LYS C 133 -39.12 -4.91 0.77
C LYS C 133 -38.90 -4.52 -0.70
N ALA C 134 -38.37 -3.32 -0.93
CA ALA C 134 -38.11 -2.79 -2.27
C ALA C 134 -36.98 -1.78 -2.22
N THR C 135 -35.98 -2.01 -3.05
CA THR C 135 -34.83 -1.12 -3.18
C THR C 135 -34.57 -0.82 -4.64
N LEU C 136 -34.49 0.47 -4.97
CA LEU C 136 -34.08 0.95 -6.29
C LEU C 136 -32.56 1.18 -6.18
N VAL C 137 -31.81 0.70 -7.17
CA VAL C 137 -30.35 0.78 -7.17
C VAL C 137 -29.86 1.62 -8.31
N CYS C 138 -29.27 2.76 -7.99
CA CYS C 138 -28.77 3.69 -9.00
C CYS C 138 -27.24 3.69 -8.96
N LEU C 139 -26.60 3.12 -10.00
CA LEU C 139 -25.14 2.98 -10.08
C LEU C 139 -24.55 4.00 -11.03
N ILE C 140 -23.57 4.78 -10.53
CA ILE C 140 -23.00 5.94 -11.24
C ILE C 140 -21.53 5.70 -11.51
N SER C 141 -21.14 5.75 -12.77
CA SER C 141 -19.78 5.35 -13.16
C SER C 141 -19.11 6.33 -14.08
N ASP C 142 -17.77 6.22 -14.16
CA ASP C 142 -16.90 6.92 -15.12
C ASP C 142 -17.05 8.43 -15.18
N PHE C 143 -17.25 9.09 -14.03
CA PHE C 143 -17.36 10.54 -14.04
C PHE C 143 -16.09 11.23 -13.52
N TYR C 144 -15.83 12.40 -14.08
CA TYR C 144 -14.71 13.25 -13.71
C TYR C 144 -15.06 14.71 -13.97
N PRO C 145 -14.86 15.65 -13.00
CA PRO C 145 -14.37 15.48 -11.62
C PRO C 145 -15.22 14.55 -10.76
N GLY C 146 -14.63 14.06 -9.67
CA GLY C 146 -15.27 13.15 -8.74
C GLY C 146 -16.19 13.77 -7.73
N ALA C 147 -17.27 14.39 -8.22
CA ALA C 147 -18.33 14.98 -7.41
C ALA C 147 -19.65 14.90 -8.17
N VAL C 148 -20.70 14.38 -7.51
CA VAL C 148 -22.05 14.30 -8.07
C VAL C 148 -23.04 14.60 -6.95
N THR C 149 -24.25 15.00 -7.32
CA THR C 149 -25.39 15.10 -6.42
C THR C 149 -26.50 14.22 -7.03
N VAL C 150 -27.23 13.47 -6.18
CA VAL C 150 -28.28 12.56 -6.62
C VAL C 150 -29.61 12.97 -6.01
N ALA C 151 -30.62 13.15 -6.86
CA ALA C 151 -32.01 13.46 -6.47
C ALA C 151 -32.88 12.32 -7.01
N TRP C 152 -34.00 12.06 -6.33
CA TRP C 152 -34.93 11.01 -6.76
C TRP C 152 -36.31 11.61 -6.99
N LYS C 153 -37.10 10.97 -7.86
CA LYS C 153 -38.47 11.36 -8.17
C LYS C 153 -39.37 10.17 -8.12
N ALA C 154 -40.60 10.37 -7.60
CA ALA C 154 -41.71 9.44 -7.58
C ALA C 154 -42.62 10.19 -8.55
N ASP C 155 -42.87 9.59 -9.74
CA ASP C 155 -43.55 10.19 -10.88
C ASP C 155 -42.79 11.48 -11.26
N SER C 156 -43.44 12.66 -11.16
CA SER C 156 -42.85 13.96 -11.44
C SER C 156 -42.41 14.74 -10.19
N SER C 157 -42.72 14.21 -8.99
CA SER C 157 -42.43 14.89 -7.72
C SER C 157 -41.17 14.39 -6.99
N PRO C 158 -40.38 15.31 -6.37
CA PRO C 158 -39.16 14.89 -5.66
C PRO C 158 -39.44 14.06 -4.41
N VAL C 159 -38.61 13.04 -4.17
CA VAL C 159 -38.71 12.16 -3.00
C VAL C 159 -37.36 12.17 -2.25
N LYS C 160 -37.37 12.65 -0.99
CA LYS C 160 -36.16 12.76 -0.16
C LYS C 160 -36.01 11.63 0.84
N ALA C 161 -37.14 11.05 1.30
CA ALA C 161 -37.15 9.96 2.27
C ALA C 161 -36.62 8.64 1.70
N GLY C 162 -35.81 7.93 2.48
CA GLY C 162 -35.27 6.62 2.12
C GLY C 162 -34.14 6.63 1.12
N VAL C 163 -33.50 7.80 0.90
CA VAL C 163 -32.37 7.98 -0.01
C VAL C 163 -31.05 7.81 0.77
N GLU C 164 -30.15 6.93 0.25
CA GLU C 164 -28.82 6.73 0.83
C GLU C 164 -27.83 6.78 -0.32
N THR C 165 -26.88 7.72 -0.26
CA THR C 165 -25.91 7.93 -1.35
C THR C 165 -24.48 7.87 -0.80
N THR C 166 -23.61 7.13 -1.51
CA THR C 166 -22.20 7.00 -1.11
C THR C 166 -21.41 8.24 -1.52
N THR C 167 -20.18 8.34 -1.03
CA THR C 167 -19.23 9.35 -1.49
C THR C 167 -18.64 8.79 -2.81
N PRO C 168 -18.03 9.62 -3.69
CA PRO C 168 -17.38 9.06 -4.89
C PRO C 168 -16.09 8.30 -4.54
N SER C 169 -15.79 7.28 -5.34
CA SER C 169 -14.58 6.46 -5.14
C SER C 169 -13.86 6.36 -6.47
N LYS C 170 -12.53 6.44 -6.46
CA LYS C 170 -11.74 6.40 -7.68
C LYS C 170 -11.67 5.00 -8.28
N GLN C 171 -11.93 4.88 -9.60
CA GLN C 171 -11.86 3.63 -10.35
C GLN C 171 -10.44 3.46 -10.93
N SER C 172 -10.14 2.28 -11.52
CA SER C 172 -8.86 1.96 -12.13
C SER C 172 -8.51 2.87 -13.31
N ASN C 173 -9.53 3.36 -14.03
CA ASN C 173 -9.37 4.25 -15.19
C ASN C 173 -9.20 5.74 -14.78
N ASN C 174 -9.04 6.02 -13.46
CA ASN C 174 -8.85 7.35 -12.87
C ASN C 174 -10.10 8.25 -12.95
N LYS C 175 -11.26 7.64 -13.23
CA LYS C 175 -12.55 8.31 -13.16
C LYS C 175 -13.20 7.84 -11.85
N TYR C 176 -14.42 8.31 -11.54
CA TYR C 176 -15.05 7.98 -10.26
C TYR C 176 -16.34 7.22 -10.38
N ALA C 177 -16.73 6.55 -9.28
CA ALA C 177 -18.00 5.80 -9.18
C ALA C 177 -18.70 6.18 -7.87
N ALA C 178 -20.02 6.04 -7.86
CA ALA C 178 -20.84 6.28 -6.66
C ALA C 178 -22.12 5.51 -6.84
N SER C 179 -22.88 5.35 -5.77
CA SER C 179 -24.17 4.70 -5.85
C SER C 179 -25.18 5.35 -4.93
N SER C 180 -26.46 5.23 -5.31
CA SER C 180 -27.56 5.77 -4.54
C SER C 180 -28.65 4.71 -4.47
N TYR C 181 -29.27 4.59 -3.30
CA TYR C 181 -30.29 3.60 -3.04
C TYR C 181 -31.52 4.27 -2.53
N LEU C 182 -32.67 3.89 -3.07
CA LEU C 182 -33.97 4.38 -2.64
C LEU C 182 -34.78 3.20 -2.09
N SER C 183 -35.07 3.24 -0.79
CA SER C 183 -35.89 2.25 -0.08
C SER C 183 -37.36 2.64 -0.11
N LEU C 184 -38.20 1.69 -0.54
CA LEU C 184 -39.65 1.86 -0.60
C LEU C 184 -40.35 0.63 -0.04
N THR C 185 -41.64 0.79 0.27
CA THR C 185 -42.54 -0.30 0.67
C THR C 185 -42.96 -0.95 -0.67
N PRO C 186 -43.19 -2.29 -0.78
CA PRO C 186 -43.61 -2.85 -2.09
C PRO C 186 -44.90 -2.23 -2.63
N GLU C 187 -45.69 -1.61 -1.73
CA GLU C 187 -46.94 -0.92 -2.02
C GLU C 187 -46.69 0.40 -2.74
N GLN C 188 -45.71 1.19 -2.26
CA GLN C 188 -45.29 2.48 -2.85
C GLN C 188 -44.79 2.27 -4.29
N TRP C 189 -43.91 1.25 -4.48
CA TRP C 189 -43.34 0.87 -5.78
C TRP C 189 -44.44 0.59 -6.84
N LYS C 190 -45.46 -0.18 -6.45
CA LYS C 190 -46.55 -0.56 -7.35
C LYS C 190 -47.61 0.55 -7.56
N SER C 191 -47.78 1.46 -6.57
CA SER C 191 -48.79 2.53 -6.62
C SER C 191 -48.40 3.69 -7.54
N HIS C 192 -47.10 3.93 -7.74
CA HIS C 192 -46.64 5.03 -8.57
C HIS C 192 -46.43 4.62 -10.02
N ARG C 193 -46.50 5.61 -10.93
CA ARG C 193 -46.29 5.44 -12.38
C ARG C 193 -44.84 5.03 -12.66
N SER C 194 -43.88 5.72 -12.01
CA SER C 194 -42.46 5.46 -12.19
C SER C 194 -41.62 6.11 -11.11
N TYR C 195 -40.35 5.73 -11.10
CA TYR C 195 -39.35 6.34 -10.21
C TYR C 195 -38.15 6.68 -11.05
N SER C 196 -37.52 7.82 -10.75
CA SER C 196 -36.33 8.28 -11.47
C SER C 196 -35.18 8.64 -10.54
N CYS C 197 -33.95 8.34 -10.98
CA CYS C 197 -32.70 8.69 -10.34
C CYS C 197 -32.11 9.83 -11.22
N GLN C 198 -31.89 11.01 -10.63
CA GLN C 198 -31.32 12.13 -11.41
C GLN C 198 -29.97 12.47 -10.84
N VAL C 199 -28.93 12.36 -11.68
CA VAL C 199 -27.55 12.57 -11.27
C VAL C 199 -27.04 13.86 -11.88
N THR C 200 -26.60 14.82 -11.03
CA THR C 200 -26.07 16.09 -11.49
C THR C 200 -24.58 16.05 -11.38
N HIS C 201 -23.91 16.41 -12.48
CA HIS C 201 -22.46 16.44 -12.54
C HIS C 201 -22.06 17.69 -13.31
N GLU C 202 -21.33 18.58 -12.63
CA GLU C 202 -20.83 19.86 -13.18
C GLU C 202 -21.94 20.66 -13.86
N GLY C 203 -23.08 20.79 -13.18
CA GLY C 203 -24.25 21.52 -13.69
C GLY C 203 -25.11 20.84 -14.73
N SER C 204 -24.82 19.57 -15.11
CA SER C 204 -25.61 18.81 -16.10
C SER C 204 -26.23 17.57 -15.47
N THR C 205 -27.55 17.40 -15.63
CA THR C 205 -28.27 16.29 -15.04
C THR C 205 -28.52 15.19 -16.08
N VAL C 206 -28.27 13.94 -15.67
CA VAL C 206 -28.50 12.71 -16.43
C VAL C 206 -29.61 12.05 -15.62
N GLU C 207 -30.66 11.56 -16.28
CA GLU C 207 -31.78 10.94 -15.59
C GLU C 207 -32.09 9.52 -16.11
N LYS C 208 -32.39 8.59 -15.18
CA LYS C 208 -32.83 7.24 -15.52
C LYS C 208 -34.15 6.99 -14.80
N THR C 209 -35.07 6.26 -15.44
CA THR C 209 -36.41 5.98 -14.96
C THR C 209 -36.75 4.51 -15.11
N VAL C 210 -37.49 3.98 -14.13
CA VAL C 210 -37.97 2.60 -14.12
C VAL C 210 -39.46 2.57 -13.76
N ALA C 211 -40.23 1.71 -14.42
CA ALA C 211 -41.67 1.59 -14.20
C ALA C 211 -42.02 0.20 -13.62
N PRO C 212 -42.91 0.12 -12.60
CA PRO C 212 -43.32 -1.20 -12.09
C PRO C 212 -44.08 -2.03 -13.13
N THR C 213 -44.66 -1.35 -14.14
CA THR C 213 -45.41 -1.94 -15.25
C THR C 213 -44.52 -2.46 -16.41
N GLU C 214 -43.19 -2.57 -16.21
CA GLU C 214 -42.26 -3.09 -17.22
C GLU C 214 -42.24 -4.61 -17.21
#